data_1C8I
#
_entry.id   1C8I
#
_cell.length_a   74.400
_cell.length_b   74.400
_cell.length_c   117.500
_cell.angle_alpha   90.00
_cell.angle_beta   90.00
_cell.angle_gamma   90.00
#
_symmetry.space_group_name_H-M   'P 42 21 2'
#
loop_
_entity.id
_entity.type
_entity.pdbx_description
1 polymer 'PROTEIN (PEROXIDASE)'
2 branched 2-acetamido-2-deoxy-beta-D-glucopyranose-(1-4)-2-acetamido-2-deoxy-beta-D-glucopyranose
3 non-polymer beta-D-mannopyranose
4 non-polymer 'CALCIUM ION'
5 non-polymer 'PROTOPORPHYRIN IX CONTAINING FE'
6 non-polymer HYDROXYAMINE
7 water water
#
_entity_poly.entity_id   1
_entity_poly.type   'polypeptide(L)'
_entity_poly.pdbx_seq_one_letter_code
;QGPGGGGGSVTCPGGQSTSNSQCCVWFDVLDDLQTNFYQGSKCESPVRKILRIVFHDAIGFSPALTAAGQFGGGGADGSI
IAHSNIELAFPANGGLTDTIEALRAVGINHGVSFGDLIQFATAVGMSNCPGSPRLEFLTGRSNSSQPSPPSLIPGPGNTV
TAILDRMGDAGFSPDEVVDLLAAHSLASQEGLNSAIFRSPLDSTPQVFDTQFYIETLLKGTTQPGPSLGFAEELSPFPGE
FRMRSDALLARDSRTACRWQSMTSSNEVMGQRYRAAMAKMSVLGFDRNALTDCSDVIPSAVSNNAAPVIPGGLTVDDIEV
SCPSEPFPEIATASGPLPSLAPAP
;
_entity_poly.pdbx_strand_id   A
#
loop_
_chem_comp.id
_chem_comp.type
_chem_comp.name
_chem_comp.formula
BMA D-saccharide, beta linking beta-D-mannopyranose 'C6 H12 O6'
CA non-polymer 'CALCIUM ION' 'Ca 2'
HEM non-polymer 'PROTOPORPHYRIN IX CONTAINING FE' 'C34 H32 Fe N4 O4'
HOA non-polymer HYDROXYAMINE 'H3 N O'
NAG D-saccharide, beta linking 2-acetamido-2-deoxy-beta-D-glucopyranose 'C8 H15 N O6'
#
# COMPACT_ATOMS: atom_id res chain seq x y z
N SER A 9 8.81 -1.69 29.39
CA SER A 9 8.25 -2.05 30.68
C SER A 9 8.18 -3.55 31.04
N VAL A 10 7.35 -4.45 30.50
CA VAL A 10 7.40 -5.84 30.96
C VAL A 10 8.36 -6.68 30.09
N THR A 11 8.68 -7.88 30.56
CA THR A 11 9.54 -8.85 29.89
C THR A 11 8.58 -9.91 29.39
N CYS A 12 8.66 -10.21 28.10
CA CYS A 12 7.84 -11.24 27.52
C CYS A 12 8.57 -12.55 27.69
N PRO A 13 7.90 -13.73 27.70
CA PRO A 13 8.55 -15.04 27.80
C PRO A 13 9.84 -15.21 27.02
N GLY A 14 9.99 -14.55 25.87
CA GLY A 14 11.21 -14.65 25.09
C GLY A 14 12.31 -13.68 25.55
N GLY A 15 12.13 -12.98 26.68
CA GLY A 15 13.12 -12.08 27.23
C GLY A 15 13.12 -10.70 26.61
N GLN A 16 12.16 -10.47 25.72
CA GLN A 16 12.12 -9.17 25.07
C GLN A 16 11.37 -8.26 26.04
N SER A 17 11.61 -6.98 25.90
CA SER A 17 10.96 -6.03 26.74
C SER A 17 9.90 -5.40 25.87
N THR A 18 8.77 -5.13 26.51
CA THR A 18 7.70 -4.44 25.84
C THR A 18 7.03 -3.51 26.85
N SER A 19 6.19 -2.62 26.32
CA SER A 19 5.46 -1.68 27.13
C SER A 19 4.27 -2.29 27.86
N ASN A 20 3.57 -3.25 27.28
CA ASN A 20 2.35 -3.80 27.86
C ASN A 20 2.33 -5.30 27.70
N SER A 21 1.67 -6.08 28.56
CA SER A 21 1.64 -7.53 28.43
C SER A 21 0.83 -7.92 27.21
N GLN A 22 -0.13 -7.12 26.79
CA GLN A 22 -0.88 -7.42 25.61
C GLN A 22 -0.03 -7.53 24.36
N CYS A 23 1.19 -6.99 24.36
CA CYS A 23 2.09 -7.05 23.21
C CYS A 23 2.83 -8.36 23.14
N CYS A 24 2.86 -9.17 24.20
CA CYS A 24 3.68 -10.36 24.17
C CYS A 24 3.24 -11.41 23.18
N VAL A 25 1.97 -11.69 22.92
CA VAL A 25 1.58 -12.67 21.89
C VAL A 25 2.11 -12.26 20.50
N TRP A 26 2.25 -10.94 20.22
CA TRP A 26 2.72 -10.47 18.93
C TRP A 26 4.15 -10.86 18.60
N PHE A 27 5.05 -11.14 19.56
CA PHE A 27 6.40 -11.60 19.21
C PHE A 27 6.27 -13.02 18.63
N ASP A 28 5.33 -13.83 19.10
CA ASP A 28 5.14 -15.15 18.52
C ASP A 28 4.55 -15.05 17.14
N VAL A 29 3.56 -14.18 16.88
CA VAL A 29 3.04 -14.19 15.52
C VAL A 29 4.05 -13.50 14.61
N LEU A 30 4.95 -12.65 15.13
CA LEU A 30 6.05 -12.08 14.36
C LEU A 30 6.92 -13.23 13.81
N ASP A 31 7.36 -14.15 14.67
CA ASP A 31 8.21 -15.23 14.20
C ASP A 31 7.58 -16.14 13.17
N ASP A 32 6.30 -16.47 13.35
CA ASP A 32 5.56 -17.28 12.42
C ASP A 32 5.47 -16.61 11.04
N LEU A 33 5.05 -15.35 11.02
CA LEU A 33 4.91 -14.61 9.78
C LEU A 33 6.24 -14.51 9.08
N GLN A 34 7.32 -14.15 9.77
CA GLN A 34 8.63 -14.03 9.12
C GLN A 34 9.17 -15.35 8.53
N THR A 35 8.96 -16.45 9.27
CA THR A 35 9.40 -17.74 8.85
C THR A 35 8.54 -18.34 7.78
N ASN A 36 7.24 -18.20 7.91
CA ASN A 36 6.36 -18.88 7.01
C ASN A 36 5.74 -18.04 5.93
N PHE A 37 4.84 -17.12 6.28
CA PHE A 37 4.17 -16.24 5.34
C PHE A 37 5.16 -15.47 4.46
N TYR A 38 6.23 -14.93 5.05
CA TYR A 38 7.22 -14.15 4.32
C TYR A 38 8.45 -14.90 3.87
N GLN A 39 8.40 -16.23 4.05
CA GLN A 39 9.44 -17.11 3.54
C GLN A 39 10.87 -16.70 3.92
N GLY A 40 11.09 -16.42 5.18
CA GLY A 40 12.41 -16.02 5.60
C GLY A 40 12.57 -14.52 5.50
N SER A 41 11.59 -13.74 5.98
CA SER A 41 11.68 -12.29 6.00
C SER A 41 11.97 -11.61 4.66
N LYS A 42 11.41 -12.13 3.55
CA LYS A 42 11.61 -11.56 2.21
C LYS A 42 10.61 -10.46 1.88
N CYS A 43 10.87 -9.64 0.85
CA CYS A 43 10.01 -8.53 0.43
C CYS A 43 9.55 -8.88 -0.96
N GLU A 44 8.60 -9.81 -1.06
CA GLU A 44 8.14 -10.27 -2.37
C GLU A 44 6.63 -10.22 -2.43
N SER A 45 5.99 -10.98 -3.33
CA SER A 45 4.55 -10.98 -3.46
C SER A 45 3.74 -11.05 -2.14
N PRO A 46 3.97 -11.83 -1.05
CA PRO A 46 3.14 -11.83 0.16
C PRO A 46 3.04 -10.43 0.76
N VAL A 47 4.12 -9.65 0.79
CA VAL A 47 4.07 -8.27 1.31
C VAL A 47 3.18 -7.40 0.41
N ARG A 48 3.32 -7.48 -0.91
CA ARG A 48 2.54 -6.66 -1.84
C ARG A 48 1.06 -7.03 -1.75
N LYS A 49 0.73 -8.31 -1.60
CA LYS A 49 -0.64 -8.77 -1.45
C LYS A 49 -1.19 -8.26 -0.11
N ILE A 50 -0.44 -8.33 1.00
CA ILE A 50 -0.92 -7.83 2.28
C ILE A 50 -1.18 -6.32 2.21
N LEU A 51 -0.38 -5.52 1.48
CA LEU A 51 -0.63 -4.09 1.35
C LEU A 51 -1.94 -3.83 0.62
N ARG A 52 -2.29 -4.63 -0.42
CA ARG A 52 -3.59 -4.49 -1.09
C ARG A 52 -4.65 -4.85 -0.08
N ILE A 53 -4.49 -5.94 0.66
CA ILE A 53 -5.46 -6.35 1.67
C ILE A 53 -5.70 -5.33 2.77
N VAL A 54 -4.71 -4.66 3.36
CA VAL A 54 -4.98 -3.70 4.43
C VAL A 54 -5.81 -2.52 3.94
N PHE A 55 -5.56 -2.05 2.71
CA PHE A 55 -6.33 -0.95 2.12
C PHE A 55 -7.75 -1.44 1.90
N HIS A 56 -7.96 -2.57 1.19
CA HIS A 56 -9.29 -3.09 0.87
C HIS A 56 -10.10 -3.44 2.10
N ASP A 57 -9.44 -3.82 3.18
CA ASP A 57 -10.16 -4.08 4.42
C ASP A 57 -10.57 -2.76 5.07
N ALA A 58 -9.63 -1.84 5.25
CA ALA A 58 -9.85 -0.58 5.93
C ALA A 58 -10.79 0.39 5.24
N ILE A 59 -10.74 0.49 3.89
CA ILE A 59 -11.60 1.40 3.15
C ILE A 59 -13.09 1.02 3.08
N GLY A 60 -13.53 -0.17 3.52
CA GLY A 60 -14.93 -0.51 3.54
C GLY A 60 -15.45 0.13 4.82
N PHE A 61 -15.58 1.44 4.70
CA PHE A 61 -15.98 2.31 5.79
C PHE A 61 -16.59 3.53 5.11
N SER A 62 -17.86 3.82 5.33
CA SER A 62 -18.51 4.95 4.69
C SER A 62 -19.44 5.74 5.61
N PRO A 63 -19.02 6.89 6.15
CA PRO A 63 -19.88 7.77 6.96
C PRO A 63 -21.17 8.15 6.23
N ALA A 64 -21.11 8.38 4.91
CA ALA A 64 -22.28 8.70 4.12
C ALA A 64 -23.35 7.60 4.21
N LEU A 65 -23.02 6.30 4.06
CA LEU A 65 -23.96 5.18 4.17
C LEU A 65 -24.58 5.16 5.55
N THR A 66 -23.75 5.35 6.59
CA THR A 66 -24.21 5.41 7.96
C THR A 66 -25.23 6.53 8.11
N ALA A 67 -24.87 7.73 7.62
CA ALA A 67 -25.71 8.92 7.70
C ALA A 67 -27.06 8.64 7.06
N ALA A 68 -27.09 7.93 5.95
CA ALA A 68 -28.31 7.60 5.27
C ALA A 68 -29.00 6.38 5.88
N GLY A 69 -28.77 6.06 7.15
CA GLY A 69 -29.38 4.91 7.81
C GLY A 69 -28.84 3.52 7.40
N GLN A 70 -27.89 3.39 6.48
CA GLN A 70 -27.39 2.08 6.06
C GLN A 70 -26.16 1.66 6.89
N PHE A 71 -25.78 0.38 6.88
CA PHE A 71 -24.56 -0.06 7.56
C PHE A 71 -23.46 0.47 6.64
N GLY A 72 -22.54 1.24 7.19
CA GLY A 72 -21.48 1.85 6.43
C GLY A 72 -20.21 1.02 6.40
N GLY A 73 -20.08 -0.11 7.09
CA GLY A 73 -18.83 -0.86 7.07
C GLY A 73 -18.05 -0.62 8.36
N GLY A 74 -17.26 -1.56 8.81
CA GLY A 74 -16.53 -1.40 10.06
C GLY A 74 -15.08 -0.97 9.91
N GLY A 75 -14.64 -0.59 8.72
CA GLY A 75 -13.28 -0.12 8.56
C GLY A 75 -12.28 -1.25 8.73
N ALA A 76 -11.23 -1.00 9.52
CA ALA A 76 -10.13 -1.94 9.72
C ALA A 76 -10.47 -3.02 10.72
N ASP A 77 -11.51 -3.78 10.38
CA ASP A 77 -12.05 -4.80 11.24
C ASP A 77 -11.76 -6.24 10.85
N GLY A 78 -10.96 -6.45 9.80
CA GLY A 78 -10.62 -7.78 9.30
C GLY A 78 -11.81 -8.51 8.67
N SER A 79 -12.82 -7.77 8.20
CA SER A 79 -14.01 -8.38 7.63
C SER A 79 -13.65 -9.03 6.32
N ILE A 80 -12.60 -8.57 5.60
CA ILE A 80 -12.18 -9.23 4.38
C ILE A 80 -11.76 -10.67 4.66
N ILE A 81 -11.37 -11.05 5.88
CA ILE A 81 -11.05 -12.43 6.20
C ILE A 81 -12.30 -13.09 6.79
N ALA A 82 -12.93 -12.58 7.86
CA ALA A 82 -14.10 -13.24 8.44
C ALA A 82 -15.24 -13.38 7.46
N HIS A 83 -15.38 -12.47 6.51
CA HIS A 83 -16.43 -12.53 5.50
C HIS A 83 -15.81 -12.62 4.12
N SER A 84 -14.71 -13.35 3.93
CA SER A 84 -14.10 -13.47 2.62
C SER A 84 -15.08 -14.05 1.60
N ASN A 85 -16.02 -14.89 2.02
CA ASN A 85 -17.03 -15.44 1.12
C ASN A 85 -17.78 -14.31 0.42
N ILE A 86 -18.14 -13.19 1.06
CA ILE A 86 -18.85 -12.20 0.30
C ILE A 86 -17.82 -11.18 -0.22
N GLU A 87 -16.85 -10.72 0.58
CA GLU A 87 -15.95 -9.68 0.08
C GLU A 87 -15.02 -10.05 -1.04
N LEU A 88 -14.56 -11.28 -1.17
CA LEU A 88 -13.70 -11.61 -2.28
C LEU A 88 -14.45 -11.77 -3.61
N ALA A 89 -15.77 -11.55 -3.63
CA ALA A 89 -16.55 -11.58 -4.88
C ALA A 89 -16.55 -10.18 -5.47
N PHE A 90 -16.13 -9.16 -4.72
CA PHE A 90 -16.04 -7.78 -5.19
C PHE A 90 -14.98 -7.71 -6.31
N PRO A 91 -15.15 -6.87 -7.31
CA PRO A 91 -14.24 -6.72 -8.45
C PRO A 91 -12.80 -6.42 -8.11
N ALA A 92 -12.63 -5.56 -7.10
CA ALA A 92 -11.33 -5.14 -6.65
C ALA A 92 -10.57 -6.17 -5.84
N ASN A 93 -11.20 -7.29 -5.43
CA ASN A 93 -10.57 -8.23 -4.55
C ASN A 93 -10.16 -9.53 -5.18
N GLY A 94 -9.81 -9.48 -6.45
CA GLY A 94 -9.37 -10.68 -7.12
C GLY A 94 -7.89 -10.91 -6.80
N GLY A 95 -7.49 -12.18 -6.86
CA GLY A 95 -6.12 -12.57 -6.62
C GLY A 95 -5.71 -12.49 -5.15
N LEU A 96 -6.64 -12.54 -4.20
CA LEU A 96 -6.30 -12.42 -2.81
C LEU A 96 -6.60 -13.64 -2.01
N THR A 97 -7.38 -14.58 -2.55
CA THR A 97 -7.74 -15.78 -1.81
C THR A 97 -6.62 -16.55 -1.13
N ASP A 98 -5.53 -16.81 -1.83
CA ASP A 98 -4.44 -17.55 -1.24
C ASP A 98 -3.82 -16.82 -0.05
N THR A 99 -3.69 -15.52 -0.15
CA THR A 99 -3.14 -14.75 0.95
C THR A 99 -4.12 -14.70 2.13
N ILE A 100 -5.43 -14.48 1.91
CA ILE A 100 -6.44 -14.44 2.97
C ILE A 100 -6.49 -15.74 3.79
N GLU A 101 -6.38 -16.90 3.14
CA GLU A 101 -6.41 -18.20 3.83
C GLU A 101 -5.21 -18.41 4.70
N ALA A 102 -4.04 -17.99 4.20
CA ALA A 102 -2.81 -18.07 4.97
C ALA A 102 -2.92 -17.20 6.22
N LEU A 103 -3.49 -16.00 6.05
CA LEU A 103 -3.66 -15.11 7.19
C LEU A 103 -4.70 -15.65 8.12
N ARG A 104 -5.76 -16.26 7.61
CA ARG A 104 -6.78 -16.82 8.49
C ARG A 104 -6.18 -17.84 9.46
N ALA A 105 -5.36 -18.76 8.95
CA ALA A 105 -4.76 -19.79 9.78
C ALA A 105 -3.88 -19.20 10.86
N VAL A 106 -3.06 -18.20 10.53
CA VAL A 106 -2.21 -17.56 11.55
C VAL A 106 -3.03 -16.95 12.69
N GLY A 107 -4.09 -16.26 12.31
CA GLY A 107 -4.99 -15.61 13.24
C GLY A 107 -5.63 -16.58 14.19
N ILE A 108 -6.19 -17.67 13.64
CA ILE A 108 -6.83 -18.72 14.42
C ILE A 108 -5.80 -19.39 15.31
N ASN A 109 -4.61 -19.67 14.77
CA ASN A 109 -3.59 -20.34 15.54
C ASN A 109 -3.01 -19.51 16.64
N HIS A 110 -3.05 -18.19 16.58
CA HIS A 110 -2.48 -17.42 17.66
C HIS A 110 -3.51 -16.77 18.55
N GLY A 111 -4.77 -16.88 18.17
CA GLY A 111 -5.85 -16.31 18.94
C GLY A 111 -5.83 -14.81 18.92
N VAL A 112 -5.53 -14.17 17.78
CA VAL A 112 -5.50 -12.72 17.66
C VAL A 112 -6.65 -12.31 16.73
N SER A 113 -7.16 -11.08 16.80
CA SER A 113 -8.30 -10.70 15.97
C SER A 113 -7.84 -10.55 14.56
N PHE A 114 -8.74 -10.75 13.61
CA PHE A 114 -8.36 -10.60 12.20
C PHE A 114 -7.96 -9.17 11.84
N GLY A 115 -8.61 -8.14 12.40
CA GLY A 115 -8.31 -6.75 12.11
C GLY A 115 -6.93 -6.37 12.63
N ASP A 116 -6.60 -6.85 13.82
CA ASP A 116 -5.28 -6.60 14.37
C ASP A 116 -4.23 -7.32 13.53
N LEU A 117 -4.49 -8.60 13.22
CA LEU A 117 -3.54 -9.36 12.45
C LEU A 117 -3.21 -8.72 11.10
N ILE A 118 -4.18 -8.10 10.39
CA ILE A 118 -3.85 -7.50 9.10
C ILE A 118 -2.94 -6.28 9.27
N GLN A 119 -3.15 -5.47 10.33
CA GLN A 119 -2.33 -4.28 10.58
C GLN A 119 -0.90 -4.66 10.92
N PHE A 120 -0.80 -5.72 11.73
CA PHE A 120 0.49 -6.26 12.15
C PHE A 120 1.22 -6.83 10.96
N ALA A 121 0.62 -7.69 10.13
CA ALA A 121 1.29 -8.26 8.99
C ALA A 121 1.73 -7.18 8.03
N THR A 122 1.04 -6.04 7.93
CA THR A 122 1.47 -4.94 7.05
C THR A 122 2.75 -4.29 7.59
N ALA A 123 2.78 -3.99 8.90
CA ALA A 123 3.96 -3.37 9.50
C ALA A 123 5.18 -4.29 9.40
N VAL A 124 5.00 -5.58 9.74
CA VAL A 124 6.07 -6.58 9.63
C VAL A 124 6.50 -6.80 8.17
N GLY A 125 5.60 -6.91 7.19
CA GLY A 125 5.94 -7.09 5.79
C GLY A 125 6.77 -5.92 5.27
N MET A 126 6.35 -4.69 5.64
CA MET A 126 7.08 -3.50 5.23
C MET A 126 8.47 -3.48 5.86
N SER A 127 8.67 -3.97 7.11
CA SER A 127 10.01 -4.01 7.67
C SER A 127 10.97 -4.90 6.85
N ASN A 128 10.51 -5.77 5.92
CA ASN A 128 11.38 -6.59 5.09
C ASN A 128 11.84 -5.89 3.82
N CYS A 129 11.24 -4.73 3.54
CA CYS A 129 11.52 -3.99 2.33
C CYS A 129 12.35 -2.76 2.64
N PRO A 130 13.55 -2.67 2.07
CA PRO A 130 14.47 -1.56 2.25
C PRO A 130 13.83 -0.21 2.01
N GLY A 131 14.14 0.72 2.92
CA GLY A 131 13.66 2.06 2.78
C GLY A 131 12.37 2.26 3.55
N SER A 132 11.65 1.22 4.00
CA SER A 132 10.40 1.43 4.71
C SER A 132 10.51 2.11 6.07
N PRO A 133 9.55 2.97 6.44
CA PRO A 133 9.46 3.55 7.79
C PRO A 133 8.94 2.48 8.75
N ARG A 134 9.06 2.66 10.06
CA ARG A 134 8.48 1.72 11.01
C ARG A 134 7.05 2.17 11.23
N LEU A 135 6.09 1.36 10.89
CA LEU A 135 4.70 1.75 11.05
C LEU A 135 4.24 1.50 12.47
N GLU A 136 3.29 2.36 12.88
CA GLU A 136 2.72 2.23 14.20
C GLU A 136 1.91 0.95 14.22
N PHE A 137 1.83 0.29 15.36
CA PHE A 137 1.01 -0.91 15.49
C PHE A 137 0.25 -0.85 16.81
N LEU A 138 -1.06 -0.89 16.68
CA LEU A 138 -1.96 -0.86 17.81
C LEU A 138 -2.72 -2.18 17.93
N THR A 139 -3.04 -2.69 19.12
CA THR A 139 -3.75 -3.95 19.26
C THR A 139 -4.99 -3.68 20.11
N GLY A 140 -6.01 -4.51 19.91
CA GLY A 140 -7.28 -4.40 20.63
C GLY A 140 -8.48 -4.31 19.71
N ARG A 141 -8.42 -4.22 18.38
CA ARG A 141 -9.62 -4.20 17.57
C ARG A 141 -10.43 -5.48 17.79
N SER A 142 -11.74 -5.34 18.04
CA SER A 142 -12.64 -6.46 18.21
C SER A 142 -12.62 -7.37 16.98
N ASN A 143 -12.76 -8.66 17.29
CA ASN A 143 -12.77 -9.65 16.25
C ASN A 143 -14.13 -9.72 15.59
N SER A 144 -15.21 -9.15 16.13
CA SER A 144 -16.47 -9.29 15.41
C SER A 144 -16.65 -8.23 14.33
N SER A 145 -17.08 -8.61 13.14
CA SER A 145 -17.34 -7.67 12.09
C SER A 145 -18.55 -8.14 11.30
N GLN A 146 -19.02 -7.29 10.40
CA GLN A 146 -20.10 -7.57 9.51
C GLN A 146 -19.44 -7.38 8.14
N PRO A 147 -19.99 -7.93 7.05
CA PRO A 147 -19.46 -7.78 5.70
C PRO A 147 -19.41 -6.33 5.26
N SER A 148 -18.38 -5.93 4.53
CA SER A 148 -18.28 -4.58 4.05
C SER A 148 -19.36 -4.40 3.00
N PRO A 149 -19.99 -3.22 2.88
CA PRO A 149 -20.88 -2.92 1.78
C PRO A 149 -20.06 -3.03 0.51
N PRO A 150 -20.65 -3.33 -0.64
CA PRO A 150 -19.95 -3.34 -1.91
C PRO A 150 -19.70 -1.90 -2.35
N SER A 151 -18.95 -1.80 -3.42
CA SER A 151 -18.60 -0.56 -4.06
C SER A 151 -17.84 0.49 -3.26
N LEU A 152 -17.18 0.16 -2.15
CA LEU A 152 -16.43 1.16 -1.43
C LEU A 152 -14.94 1.18 -1.75
N ILE A 153 -14.43 0.33 -2.64
CA ILE A 153 -13.01 0.31 -2.95
C ILE A 153 -12.81 1.05 -4.27
N PRO A 154 -11.97 2.09 -4.37
CA PRO A 154 -11.63 2.79 -5.62
C PRO A 154 -11.06 1.84 -6.67
N GLY A 155 -11.44 2.07 -7.94
CA GLY A 155 -11.02 1.26 -9.06
C GLY A 155 -10.06 2.02 -9.98
N PRO A 156 -9.19 1.32 -10.73
CA PRO A 156 -8.22 1.92 -11.61
C PRO A 156 -8.87 2.63 -12.80
N GLY A 157 -10.11 2.29 -13.14
CA GLY A 157 -10.79 2.99 -14.20
C GLY A 157 -11.56 4.17 -13.62
N ASN A 158 -11.55 4.43 -12.31
CA ASN A 158 -12.32 5.55 -11.79
C ASN A 158 -11.71 6.90 -12.14
N THR A 159 -12.52 7.95 -12.27
CA THR A 159 -11.97 9.27 -12.53
C THR A 159 -11.39 9.77 -11.21
N VAL A 160 -10.55 10.79 -11.30
CA VAL A 160 -9.98 11.38 -10.10
C VAL A 160 -11.09 11.91 -9.20
N THR A 161 -12.13 12.57 -9.73
CA THR A 161 -13.18 13.11 -8.90
C THR A 161 -13.79 11.96 -8.11
N ALA A 162 -14.02 10.82 -8.79
CA ALA A 162 -14.60 9.66 -8.13
C ALA A 162 -13.73 9.12 -6.97
N ILE A 163 -12.44 8.95 -7.21
CA ILE A 163 -11.50 8.48 -6.18
C ILE A 163 -11.47 9.48 -5.00
N LEU A 164 -11.29 10.78 -5.25
CA LEU A 164 -11.26 11.76 -4.18
C LEU A 164 -12.55 11.78 -3.39
N ASP A 165 -13.72 11.63 -4.03
CA ASP A 165 -14.96 11.58 -3.29
C ASP A 165 -15.02 10.36 -2.41
N ARG A 166 -14.68 9.17 -2.93
CA ARG A 166 -14.75 7.96 -2.11
C ARG A 166 -13.78 8.05 -0.93
N MET A 167 -12.58 8.54 -1.24
CA MET A 167 -11.54 8.64 -0.25
C MET A 167 -11.87 9.70 0.78
N GLY A 168 -12.51 10.78 0.34
CA GLY A 168 -12.89 11.87 1.19
C GLY A 168 -13.97 11.46 2.17
N ASP A 169 -14.91 10.62 1.69
CA ASP A 169 -15.99 10.10 2.52
C ASP A 169 -15.38 9.32 3.66
N ALA A 170 -14.42 8.43 3.36
CA ALA A 170 -13.72 7.63 4.36
C ALA A 170 -12.95 8.50 5.33
N GLY A 171 -12.55 9.71 4.96
CA GLY A 171 -11.87 10.62 5.84
C GLY A 171 -10.58 11.18 5.26
N PHE A 172 -10.15 10.87 4.04
CA PHE A 172 -8.86 11.40 3.54
C PHE A 172 -8.94 12.61 2.65
N SER A 173 -8.04 13.55 2.86
CA SER A 173 -7.95 14.72 2.03
C SER A 173 -7.24 14.34 0.74
N PRO A 174 -7.25 15.15 -0.34
CA PRO A 174 -6.51 14.86 -1.58
C PRO A 174 -5.02 14.55 -1.33
N ASP A 175 -4.39 15.28 -0.39
CA ASP A 175 -3.00 15.07 -0.02
C ASP A 175 -2.77 13.69 0.53
N GLU A 176 -3.61 13.22 1.44
CA GLU A 176 -3.42 11.92 2.05
C GLU A 176 -3.65 10.81 1.04
N VAL A 177 -4.48 11.05 0.01
CA VAL A 177 -4.69 10.07 -1.06
C VAL A 177 -3.33 9.93 -1.76
N VAL A 178 -2.65 11.02 -2.12
CA VAL A 178 -1.36 10.90 -2.76
C VAL A 178 -0.38 10.21 -1.82
N ASP A 179 -0.36 10.52 -0.54
CA ASP A 179 0.58 9.92 0.40
C ASP A 179 0.44 8.41 0.56
N LEU A 180 -0.83 8.00 0.60
CA LEU A 180 -1.21 6.60 0.71
C LEU A 180 -0.73 5.79 -0.51
N LEU A 181 -0.75 6.39 -1.69
CA LEU A 181 -0.29 5.76 -2.90
C LEU A 181 1.20 5.49 -2.95
N ALA A 182 2.00 5.86 -1.93
CA ALA A 182 3.41 5.52 -1.91
C ALA A 182 3.53 3.99 -1.87
N ALA A 183 2.53 3.23 -1.38
CA ALA A 183 2.60 1.77 -1.40
C ALA A 183 2.68 1.23 -2.84
N HIS A 184 2.39 1.98 -3.91
CA HIS A 184 2.56 1.46 -5.25
C HIS A 184 4.02 1.47 -5.68
N SER A 185 4.92 1.89 -4.76
CA SER A 185 6.37 1.83 -4.95
C SER A 185 6.80 0.39 -4.66
N LEU A 186 5.95 -0.49 -4.12
CA LEU A 186 6.26 -1.88 -3.81
C LEU A 186 5.13 -2.62 -4.49
N ALA A 187 5.00 -2.51 -5.80
CA ALA A 187 3.82 -3.05 -6.45
C ALA A 187 3.96 -3.58 -7.85
N SER A 188 3.07 -4.50 -8.20
CA SER A 188 3.02 -4.98 -9.56
C SER A 188 1.52 -5.21 -9.81
N GLN A 189 1.16 -5.70 -10.99
CA GLN A 189 -0.24 -6.08 -11.20
C GLN A 189 -0.22 -7.53 -11.69
N GLU A 190 -1.27 -8.28 -11.45
CA GLU A 190 -1.36 -9.65 -11.92
C GLU A 190 -2.60 -9.84 -12.77
N GLY A 191 -3.68 -9.15 -12.40
CA GLY A 191 -4.94 -9.31 -13.07
C GLY A 191 -5.39 -8.20 -14.00
N LEU A 192 -4.64 -7.12 -14.24
CA LEU A 192 -5.09 -6.08 -15.14
C LEU A 192 -4.64 -6.42 -16.56
N ASN A 193 -3.49 -7.07 -16.72
CA ASN A 193 -2.99 -7.53 -18.01
C ASN A 193 -2.22 -8.80 -17.64
N SER A 194 -2.90 -9.94 -17.69
CA SER A 194 -2.29 -11.18 -17.25
C SER A 194 -1.17 -11.64 -18.18
N ALA A 195 -1.11 -11.04 -19.37
CA ALA A 195 -0.04 -11.35 -20.29
C ALA A 195 1.34 -10.89 -19.80
N ILE A 196 1.45 -9.91 -18.91
CA ILE A 196 2.73 -9.46 -18.42
C ILE A 196 2.56 -9.54 -16.90
N PHE A 197 2.30 -10.77 -16.41
CA PHE A 197 2.08 -11.06 -15.00
C PHE A 197 3.23 -10.48 -14.15
N ARG A 198 2.84 -9.80 -13.07
CA ARG A 198 3.73 -9.15 -12.11
C ARG A 198 4.60 -8.06 -12.73
N SER A 199 4.13 -7.39 -13.78
CA SER A 199 4.89 -6.27 -14.28
C SER A 199 4.86 -5.21 -13.16
N PRO A 200 6.02 -4.65 -12.75
CA PRO A 200 6.13 -3.64 -11.70
C PRO A 200 5.56 -2.29 -12.11
N LEU A 201 5.10 -1.57 -11.08
CA LEU A 201 4.58 -0.22 -11.23
C LEU A 201 5.73 0.77 -11.10
N ASP A 202 6.90 0.42 -10.54
CA ASP A 202 8.05 1.31 -10.66
C ASP A 202 9.27 0.41 -10.87
N SER A 203 10.44 0.99 -11.11
CA SER A 203 11.62 0.19 -11.36
C SER A 203 12.20 -0.47 -10.12
N THR A 204 11.75 -0.20 -8.88
CA THR A 204 12.29 -0.87 -7.72
C THR A 204 11.15 -1.46 -6.92
N PRO A 205 10.44 -2.52 -7.36
CA PRO A 205 9.32 -3.08 -6.61
C PRO A 205 9.71 -3.64 -5.27
N GLN A 206 11.02 -3.75 -4.96
CA GLN A 206 11.41 -4.23 -3.64
C GLN A 206 12.02 -3.13 -2.82
N VAL A 207 11.98 -1.85 -3.20
CA VAL A 207 12.56 -0.79 -2.38
C VAL A 207 11.47 0.24 -2.19
N PHE A 208 11.17 0.63 -0.94
CA PHE A 208 10.17 1.64 -0.67
C PHE A 208 10.86 2.97 -0.89
N ASP A 209 10.71 3.52 -2.10
CA ASP A 209 11.32 4.76 -2.50
C ASP A 209 10.39 5.68 -3.31
N THR A 210 10.94 6.78 -3.71
CA THR A 210 10.29 7.79 -4.50
C THR A 210 10.15 7.42 -6.02
N GLN A 211 10.77 6.34 -6.57
CA GLN A 211 10.70 6.05 -8.01
C GLN A 211 9.32 6.00 -8.62
N PHE A 212 8.30 5.59 -7.89
CA PHE A 212 6.94 5.52 -8.39
C PHE A 212 6.41 6.89 -8.76
N TYR A 213 6.66 7.92 -7.96
CA TYR A 213 6.16 9.25 -8.26
C TYR A 213 6.90 9.86 -9.44
N ILE A 214 8.20 9.57 -9.60
CA ILE A 214 8.99 10.08 -10.72
C ILE A 214 8.52 9.43 -12.00
N GLU A 215 8.47 8.09 -11.98
CA GLU A 215 8.19 7.32 -13.16
C GLU A 215 6.79 7.38 -13.73
N THR A 216 5.76 7.59 -12.90
CA THR A 216 4.39 7.78 -13.40
C THR A 216 4.24 9.16 -14.10
N LEU A 217 5.21 10.06 -13.87
CA LEU A 217 5.16 11.40 -14.44
C LEU A 217 5.88 11.47 -15.79
N LEU A 218 6.65 10.43 -16.15
CA LEU A 218 7.36 10.41 -17.43
C LEU A 218 6.36 10.22 -18.55
N LYS A 219 6.66 10.70 -19.75
CA LYS A 219 5.70 10.54 -20.82
C LYS A 219 5.51 9.07 -21.16
N GLY A 220 4.25 8.66 -21.29
CA GLY A 220 3.88 7.30 -21.68
C GLY A 220 4.31 7.09 -23.13
N THR A 221 5.23 6.17 -23.30
CA THR A 221 5.84 5.87 -24.57
C THR A 221 5.79 4.42 -25.05
N THR A 222 5.71 3.46 -24.15
CA THR A 222 5.85 2.05 -24.44
C THR A 222 4.61 1.25 -24.05
N GLN A 223 4.24 0.26 -24.85
CA GLN A 223 3.12 -0.62 -24.53
C GLN A 223 3.96 -1.79 -24.03
N PRO A 224 3.96 -2.19 -22.75
CA PRO A 224 4.78 -3.30 -22.29
C PRO A 224 4.32 -4.72 -22.74
N GLY A 225 3.04 -5.00 -23.00
CA GLY A 225 2.60 -6.33 -23.39
C GLY A 225 2.09 -6.37 -24.82
N PRO A 226 1.52 -7.51 -25.19
CA PRO A 226 0.96 -7.77 -26.51
C PRO A 226 -0.22 -6.85 -26.87
N SER A 227 -1.04 -6.55 -25.86
CA SER A 227 -2.18 -5.67 -25.97
C SER A 227 -2.25 -4.83 -24.69
N LEU A 228 -3.26 -3.95 -24.58
CA LEU A 228 -3.48 -3.17 -23.39
C LEU A 228 -4.55 -3.91 -22.61
N GLY A 229 -4.38 -3.92 -21.29
CA GLY A 229 -5.28 -4.59 -20.39
C GLY A 229 -6.27 -3.58 -19.86
N PHE A 230 -7.00 -3.99 -18.83
CA PHE A 230 -7.97 -3.10 -18.25
C PHE A 230 -7.25 -1.95 -17.52
N ALA A 231 -7.70 -0.73 -17.83
CA ALA A 231 -7.20 0.50 -17.25
C ALA A 231 -5.70 0.75 -17.42
N GLU A 232 -5.15 0.20 -18.50
CA GLU A 232 -3.75 0.31 -18.80
C GLU A 232 -3.46 1.46 -19.74
N GLU A 233 -2.37 2.16 -19.40
CA GLU A 233 -1.83 3.29 -20.12
C GLU A 233 -0.45 2.91 -20.61
N LEU A 234 0.07 3.68 -21.58
CA LEU A 234 1.42 3.49 -22.13
C LEU A 234 2.42 3.87 -21.03
N SER A 235 3.49 3.11 -20.82
CA SER A 235 4.44 3.37 -19.74
C SER A 235 5.72 3.99 -20.29
N PRO A 236 6.75 4.35 -19.52
CA PRO A 236 7.97 4.94 -20.04
C PRO A 236 9.00 3.95 -20.52
N PHE A 237 8.93 2.67 -20.15
CA PHE A 237 9.89 1.68 -20.61
C PHE A 237 9.38 0.24 -20.46
N PRO A 238 9.93 -0.69 -21.28
CA PRO A 238 9.56 -2.08 -21.27
C PRO A 238 9.55 -2.74 -19.91
N GLY A 239 8.53 -3.53 -19.66
CA GLY A 239 8.39 -4.20 -18.39
C GLY A 239 7.63 -3.39 -17.36
N GLU A 240 7.52 -2.06 -17.45
CA GLU A 240 6.79 -1.30 -16.44
C GLU A 240 5.34 -1.16 -16.87
N PHE A 241 4.45 -1.35 -15.90
CA PHE A 241 3.02 -1.24 -16.12
C PHE A 241 2.54 0.13 -15.64
N ARG A 242 1.69 0.88 -16.39
CA ARG A 242 1.16 2.15 -15.91
C ARG A 242 -0.36 2.03 -15.88
N MET A 243 -0.92 2.21 -14.69
CA MET A 243 -2.35 2.17 -14.37
C MET A 243 -2.96 3.56 -14.60
N ARG A 244 -4.20 3.64 -15.14
CA ARG A 244 -4.86 4.90 -15.47
C ARG A 244 -5.02 5.83 -14.28
N SER A 245 -5.57 5.38 -13.16
CA SER A 245 -5.75 6.22 -12.00
C SER A 245 -4.44 6.82 -11.53
N ASP A 246 -3.31 6.07 -11.56
CA ASP A 246 -2.02 6.63 -11.15
C ASP A 246 -1.57 7.70 -12.14
N ALA A 247 -1.70 7.46 -13.45
CA ALA A 247 -1.35 8.43 -14.47
C ALA A 247 -2.19 9.73 -14.31
N LEU A 248 -3.48 9.60 -14.11
CA LEU A 248 -4.41 10.72 -13.94
C LEU A 248 -4.15 11.48 -12.64
N LEU A 249 -3.95 10.79 -11.51
CA LEU A 249 -3.66 11.45 -10.25
C LEU A 249 -2.35 12.21 -10.31
N ALA A 250 -1.35 11.70 -11.03
CA ALA A 250 -0.07 12.38 -11.17
C ALA A 250 -0.19 13.77 -11.84
N ARG A 251 -1.13 13.83 -12.78
CA ARG A 251 -1.39 14.98 -13.60
C ARG A 251 -2.57 15.86 -13.23
N ASP A 252 -3.52 15.44 -12.42
CA ASP A 252 -4.69 16.26 -12.15
C ASP A 252 -4.33 17.47 -11.34
N SER A 253 -4.88 18.65 -11.58
CA SER A 253 -4.49 19.82 -10.81
C SER A 253 -4.78 19.73 -9.31
N ARG A 254 -5.72 18.89 -8.90
CA ARG A 254 -6.02 18.73 -7.50
C ARG A 254 -4.97 17.92 -6.76
N THR A 255 -4.14 17.10 -7.45
CA THR A 255 -3.19 16.24 -6.74
C THR A 255 -1.76 16.34 -7.26
N ALA A 256 -1.60 17.02 -8.39
CA ALA A 256 -0.30 17.16 -9.05
C ALA A 256 0.83 17.77 -8.23
N CYS A 257 0.57 18.81 -7.41
CA CYS A 257 1.66 19.40 -6.67
C CYS A 257 2.07 18.48 -5.52
N ARG A 258 1.17 17.77 -4.84
CA ARG A 258 1.59 16.86 -3.79
C ARG A 258 2.36 15.70 -4.41
N TRP A 259 1.94 15.23 -5.60
CA TRP A 259 2.62 14.13 -6.29
C TRP A 259 4.07 14.51 -6.61
N GLN A 260 4.24 15.74 -7.10
CA GLN A 260 5.56 16.27 -7.45
C GLN A 260 6.42 16.42 -6.21
N SER A 261 5.88 16.84 -5.07
CA SER A 261 6.67 16.99 -3.85
C SER A 261 7.24 15.71 -3.26
N MET A 262 6.59 14.60 -3.65
CA MET A 262 6.94 13.25 -3.23
C MET A 262 8.08 12.72 -4.07
N THR A 263 8.53 13.42 -5.12
CA THR A 263 9.60 12.89 -5.96
C THR A 263 11.03 13.01 -5.45
N SER A 264 11.46 13.97 -4.62
CA SER A 264 12.89 14.08 -4.33
C SER A 264 13.43 13.64 -2.98
N SER A 265 12.53 13.28 -2.08
CA SER A 265 12.92 12.88 -0.78
C SER A 265 12.21 11.66 -0.26
N ASN A 266 13.01 10.62 -0.07
CA ASN A 266 12.52 9.37 0.49
C ASN A 266 12.12 9.55 1.94
N GLU A 267 12.78 10.51 2.63
CA GLU A 267 12.49 10.77 4.04
C GLU A 267 11.13 11.42 4.23
N VAL A 268 10.79 12.41 3.41
CA VAL A 268 9.50 13.10 3.50
C VAL A 268 8.40 12.14 3.13
N MET A 269 8.61 11.40 2.03
CA MET A 269 7.64 10.43 1.57
C MET A 269 7.34 9.41 2.67
N GLY A 270 8.34 8.80 3.30
CA GLY A 270 8.11 7.80 4.34
C GLY A 270 7.33 8.34 5.54
N GLN A 271 7.62 9.57 5.95
CA GLN A 271 6.99 10.30 7.03
C GLN A 271 5.50 10.54 6.76
N ARG A 272 5.21 11.02 5.55
CA ARG A 272 3.83 11.26 5.10
C ARG A 272 3.04 9.95 5.01
N TYR A 273 3.65 8.91 4.41
CA TYR A 273 3.02 7.61 4.30
C TYR A 273 2.74 7.01 5.67
N ARG A 274 3.66 7.05 6.63
CA ARG A 274 3.46 6.49 7.96
C ARG A 274 2.26 7.12 8.65
N ALA A 275 2.16 8.45 8.52
CA ALA A 275 1.06 9.21 9.10
C ALA A 275 -0.27 8.82 8.46
N ALA A 276 -0.36 8.74 7.13
CA ALA A 276 -1.62 8.37 6.49
C ALA A 276 -2.00 6.94 6.85
N MET A 277 -1.03 6.03 6.92
CA MET A 277 -1.32 4.66 7.30
C MET A 277 -1.79 4.56 8.74
N ALA A 278 -1.27 5.37 9.70
CA ALA A 278 -1.73 5.32 11.09
C ALA A 278 -3.22 5.70 11.18
N LYS A 279 -3.64 6.62 10.31
CA LYS A 279 -5.04 7.05 10.23
C LYS A 279 -5.89 5.92 9.62
N MET A 280 -5.44 5.34 8.51
CA MET A 280 -6.18 4.28 7.87
C MET A 280 -6.33 3.08 8.78
N SER A 281 -5.33 2.75 9.59
CA SER A 281 -5.36 1.60 10.46
C SER A 281 -6.43 1.64 11.53
N VAL A 282 -6.97 2.81 11.88
CA VAL A 282 -7.99 2.84 12.91
C VAL A 282 -9.34 3.29 12.40
N LEU A 283 -9.60 3.25 11.09
CA LEU A 283 -10.91 3.58 10.54
C LEU A 283 -11.92 2.57 11.15
N GLY A 284 -12.97 3.09 11.77
CA GLY A 284 -13.97 2.29 12.42
C GLY A 284 -13.63 2.10 13.90
N PHE A 285 -12.55 2.67 14.43
CA PHE A 285 -12.15 2.44 15.82
C PHE A 285 -11.72 3.74 16.44
N ASP A 286 -11.71 3.67 17.76
CA ASP A 286 -11.26 4.76 18.59
C ASP A 286 -9.84 4.34 18.97
N ARG A 287 -8.83 5.02 18.43
CA ARG A 287 -7.46 4.65 18.75
C ARG A 287 -7.17 4.80 20.22
N ASN A 288 -7.94 5.60 20.93
CA ASN A 288 -7.68 5.77 22.35
C ASN A 288 -8.12 4.53 23.08
N ALA A 289 -8.85 3.64 22.44
CA ALA A 289 -9.21 2.40 23.11
C ALA A 289 -8.22 1.24 22.79
N LEU A 290 -7.21 1.49 21.95
CA LEU A 290 -6.29 0.45 21.54
C LEU A 290 -5.01 0.54 22.33
N THR A 291 -4.20 -0.53 22.43
CA THR A 291 -2.93 -0.52 23.16
C THR A 291 -1.82 -0.45 22.13
N ASP A 292 -0.86 0.45 22.40
CA ASP A 292 0.25 0.64 21.49
C ASP A 292 1.31 -0.45 21.67
N CYS A 293 1.60 -1.17 20.61
CA CYS A 293 2.61 -2.22 20.65
C CYS A 293 3.58 -2.00 19.51
N SER A 294 3.88 -0.72 19.20
CA SER A 294 4.76 -0.43 18.08
C SER A 294 6.19 -0.91 18.27
N ASP A 295 6.59 -1.07 19.53
CA ASP A 295 7.92 -1.53 19.86
C ASP A 295 8.13 -2.93 19.35
N VAL A 296 7.08 -3.71 19.05
CA VAL A 296 7.29 -5.05 18.54
C VAL A 296 7.83 -5.01 17.11
N ILE A 297 7.54 -3.95 16.34
CA ILE A 297 7.89 -3.87 14.93
C ILE A 297 9.39 -3.66 14.71
N PRO A 298 10.10 -4.46 13.92
CA PRO A 298 11.54 -4.28 13.66
C PRO A 298 11.88 -3.21 12.63
N SER A 299 13.07 -2.63 12.68
CA SER A 299 13.51 -1.67 11.68
C SER A 299 13.84 -2.38 10.35
N ALA A 300 13.64 -1.65 9.26
CA ALA A 300 13.93 -2.15 7.93
C ALA A 300 15.36 -1.71 7.68
N VAL A 301 15.97 -2.29 6.68
CA VAL A 301 17.31 -1.88 6.31
C VAL A 301 17.09 -0.57 5.52
N SER A 302 18.01 0.38 5.70
CA SER A 302 17.93 1.65 5.00
C SER A 302 18.20 1.59 3.51
N ASN A 303 17.61 2.54 2.79
CA ASN A 303 17.79 2.58 1.36
C ASN A 303 18.79 3.70 1.18
N ASN A 304 19.96 3.44 0.61
CA ASN A 304 21.01 4.44 0.45
C ASN A 304 21.02 5.01 -0.96
N ALA A 305 20.20 4.53 -1.89
CA ALA A 305 20.19 5.09 -3.22
C ALA A 305 19.36 6.39 -3.23
N ALA A 306 19.79 7.30 -4.07
CA ALA A 306 19.17 8.57 -4.31
C ALA A 306 18.14 8.43 -5.43
N PRO A 307 17.09 9.27 -5.45
CA PRO A 307 16.09 9.34 -6.52
C PRO A 307 16.73 9.55 -7.88
N VAL A 308 16.31 8.91 -8.98
CA VAL A 308 16.88 9.16 -10.31
C VAL A 308 15.82 9.12 -11.36
N ILE A 309 16.12 9.78 -12.46
CA ILE A 309 15.29 9.69 -13.63
C ILE A 309 16.05 8.60 -14.36
N PRO A 310 15.47 7.42 -14.54
CA PRO A 310 16.13 6.28 -15.18
C PRO A 310 16.47 6.36 -16.67
N GLY A 311 17.44 5.53 -17.02
CA GLY A 311 17.92 5.27 -18.37
C GLY A 311 18.06 6.36 -19.40
N GLY A 312 18.72 7.46 -19.14
CA GLY A 312 18.89 8.49 -20.14
C GLY A 312 17.76 9.48 -20.25
N LEU A 313 16.62 9.32 -19.58
CA LEU A 313 15.56 10.31 -19.72
C LEU A 313 15.97 11.49 -18.87
N THR A 314 15.46 12.69 -19.15
CA THR A 314 15.83 13.91 -18.44
C THR A 314 14.54 14.55 -18.00
N VAL A 315 14.62 15.79 -17.49
CA VAL A 315 13.44 16.48 -17.05
C VAL A 315 12.57 16.79 -18.24
N ASP A 316 13.13 16.84 -19.44
CA ASP A 316 12.31 17.10 -20.61
C ASP A 316 11.34 15.96 -20.91
N ASP A 317 11.57 14.76 -20.34
CA ASP A 317 10.64 13.67 -20.55
C ASP A 317 9.56 13.65 -19.49
N ILE A 318 9.63 14.45 -18.41
CA ILE A 318 8.56 14.35 -17.43
C ILE A 318 7.56 15.45 -17.78
N GLU A 319 6.31 15.06 -17.64
CA GLU A 319 5.16 15.92 -17.93
C GLU A 319 4.84 16.72 -16.68
N VAL A 320 5.58 17.82 -16.45
CA VAL A 320 5.39 18.62 -15.22
C VAL A 320 3.95 19.11 -15.21
N SER A 321 3.31 18.81 -14.12
CA SER A 321 1.92 19.11 -13.94
C SER A 321 1.63 20.01 -12.75
N CYS A 322 2.60 20.37 -11.91
CA CYS A 322 2.31 21.28 -10.82
C CYS A 322 2.70 22.66 -11.33
N PRO A 323 1.73 23.54 -11.63
CA PRO A 323 2.01 24.84 -12.22
C PRO A 323 2.74 25.83 -11.31
N SER A 324 2.67 25.69 -10.00
CA SER A 324 3.32 26.64 -9.13
C SER A 324 4.74 26.35 -8.68
N GLU A 325 5.18 25.09 -8.66
CA GLU A 325 6.53 24.75 -8.18
C GLU A 325 7.32 24.22 -9.36
N PRO A 326 8.56 24.63 -9.57
CA PRO A 326 9.41 24.02 -10.58
C PRO A 326 9.71 22.57 -10.19
N PHE A 327 9.97 21.70 -11.16
CA PHE A 327 10.27 20.31 -10.86
C PHE A 327 11.62 20.23 -10.11
N PRO A 328 11.74 19.40 -9.05
CA PRO A 328 12.96 19.21 -8.27
C PRO A 328 14.14 18.79 -9.10
N GLU A 329 15.36 19.20 -8.74
CA GLU A 329 16.56 18.75 -9.45
C GLU A 329 16.73 17.28 -9.02
N ILE A 330 16.55 16.31 -9.91
CA ILE A 330 16.67 14.89 -9.58
C ILE A 330 17.79 14.44 -10.49
N ALA A 331 18.61 13.54 -9.98
CA ALA A 331 19.71 13.03 -10.77
C ALA A 331 19.27 12.18 -11.96
N THR A 332 20.02 12.17 -13.05
CA THR A 332 19.69 11.36 -14.22
C THR A 332 20.69 10.22 -14.27
N ALA A 333 20.44 9.19 -15.04
CA ALA A 333 21.35 8.07 -15.12
C ALA A 333 21.73 7.95 -16.58
N SER A 334 22.84 7.30 -16.93
CA SER A 334 23.15 7.15 -18.34
C SER A 334 22.49 5.83 -18.71
N GLY A 335 23.09 5.17 -19.69
CA GLY A 335 22.58 3.88 -20.08
C GLY A 335 21.33 4.05 -20.90
N PRO A 336 20.95 2.94 -21.54
CA PRO A 336 19.73 2.87 -22.30
C PRO A 336 18.59 2.71 -21.32
N LEU A 337 17.42 2.69 -21.96
CA LEU A 337 16.14 2.54 -21.30
C LEU A 337 16.09 1.16 -20.64
N PRO A 338 15.80 1.08 -19.35
CA PRO A 338 15.73 -0.18 -18.62
C PRO A 338 14.59 -1.04 -19.12
N SER A 339 14.63 -2.35 -18.91
CA SER A 339 13.52 -3.20 -19.28
C SER A 339 13.34 -3.89 -17.93
N LEU A 340 12.13 -3.87 -17.37
CA LEU A 340 11.97 -4.42 -16.05
C LEU A 340 11.56 -5.86 -16.03
N ALA A 341 12.22 -6.61 -15.17
CA ALA A 341 11.87 -8.00 -14.95
C ALA A 341 10.59 -8.00 -14.08
N PRO A 342 9.77 -9.05 -14.05
CA PRO A 342 8.61 -9.09 -13.16
C PRO A 342 9.07 -8.97 -11.72
N ALA A 343 8.16 -8.50 -10.89
CA ALA A 343 8.36 -8.32 -9.48
C ALA A 343 8.43 -9.73 -8.89
N PRO A 344 9.33 -10.07 -7.94
CA PRO A 344 9.44 -11.41 -7.40
C PRO A 344 8.26 -11.85 -6.55
C1 NAG B . -12.49 -14.32 15.09
C2 NAG B . -12.06 -15.53 15.90
C3 NAG B . -11.90 -16.68 14.92
C4 NAG B . -13.17 -16.95 14.15
C5 NAG B . -13.78 -15.69 13.52
C6 NAG B . -15.24 -15.96 13.16
C7 NAG B . -10.76 -15.11 17.95
C8 NAG B . -9.39 -14.99 18.59
N2 NAG B . -10.82 -15.36 16.65
O3 NAG B . -11.55 -17.84 15.60
O4 NAG B . -12.84 -17.81 13.06
O5 NAG B . -13.76 -14.59 14.47
O6 NAG B . -15.63 -14.93 12.29
O7 NAG B . -11.77 -14.96 18.62
C1 NAG B . -13.29 -19.15 13.12
C2 NAG B . -13.11 -19.67 11.70
C3 NAG B . -13.39 -21.16 11.73
C4 NAG B . -12.52 -21.87 12.77
C5 NAG B . -12.80 -21.27 14.12
C6 NAG B . -11.93 -21.94 15.18
C7 NAG B . -13.60 -18.06 9.90
C8 NAG B . -14.62 -17.33 9.04
N2 NAG B . -14.01 -18.97 10.80
O3 NAG B . -13.14 -21.70 10.45
O4 NAG B . -12.75 -23.27 12.79
O5 NAG B . -12.50 -19.88 14.05
O6 NAG B . -11.86 -21.13 16.32
O7 NAG B . -12.42 -17.83 9.73
C1 BMA C . 12.42 -6.04 -20.51
C2 BMA C . 11.17 -6.40 -21.25
C3 BMA C . 10.26 -7.09 -20.28
C4 BMA C . 11.00 -8.28 -19.63
C5 BMA C . 12.43 -7.95 -19.18
C6 BMA C . 13.27 -9.14 -18.78
O2 BMA C . 11.48 -7.24 -22.36
O3 BMA C . 9.12 -7.52 -20.97
O4 BMA C . 10.28 -8.66 -18.48
O5 BMA C . 13.13 -7.25 -20.22
O6 BMA C . 14.59 -8.66 -18.54
CA CA D . -13.23 -4.20 6.64
CA CA E . 9.95 1.29 -5.45
CHA HEM F . -1.86 -3.03 -6.81
CHB HEM F . -5.51 0.03 -7.70
CHC HEM F . -4.43 2.43 -3.66
CHD HEM F . -1.36 -1.03 -2.45
C1A HEM F . -2.96 -2.41 -7.40
C2A HEM F . -3.69 -2.92 -8.55
C3A HEM F . -4.75 -2.11 -8.75
C4A HEM F . -4.67 -1.09 -7.75
CMA HEM F . -5.86 -2.22 -9.79
CAA HEM F . -3.30 -4.17 -9.33
CBA HEM F . -3.85 -5.46 -8.71
CGA HEM F . -3.59 -6.64 -9.62
O1A HEM F . -2.83 -7.53 -9.24
O2A HEM F . -4.10 -6.66 -10.73
C1B HEM F . -5.42 1.05 -6.76
C2B HEM F . -6.25 2.24 -6.76
C3B HEM F . -5.95 2.92 -5.62
C4B HEM F . -4.89 2.16 -4.96
CMB HEM F . -7.26 2.67 -7.83
CAB HEM F . -6.64 4.01 -5.08
CBB HEM F . -6.31 5.39 -5.35
C1C HEM F . -3.56 1.65 -2.93
C2C HEM F . -3.26 1.88 -1.54
C3C HEM F . -2.44 0.85 -1.15
C4C HEM F . -2.23 0.04 -2.35
CMC HEM F . -3.78 3.08 -0.75
CAC HEM F . -1.97 0.48 0.13
CBC HEM F . -1.53 1.32 1.21
C1D HEM F . -1.14 -1.81 -3.57
C2D HEM F . -0.07 -2.76 -3.72
C3D HEM F . -0.23 -3.32 -4.93
C4D HEM F . -1.35 -2.69 -5.57
CMD HEM F . 1.09 -2.93 -2.74
CAD HEM F . 0.61 -4.41 -5.55
CBD HEM F . 0.04 -5.82 -5.40
CGD HEM F . 0.91 -6.90 -6.01
O1D HEM F . 0.49 -8.06 -6.01
O2D HEM F . 1.98 -6.61 -6.51
NA HEM F . -3.60 -1.30 -6.89
NB HEM F . -4.55 1.03 -5.68
NC HEM F . -2.95 0.50 -3.42
ND HEM F . -1.87 -1.71 -4.75
FE HEM F . -3.16 -0.32 -5.23
N HOA G . -4.62 -2.05 -3.53
O HOA G . -5.54 -1.64 -4.57
#